data_1YEI
#
_entry.id   1YEI
#
_cell.length_a   78.345
_cell.length_b   78.345
_cell.length_c   159.278
_cell.angle_alpha   90.00
_cell.angle_beta   90.00
_cell.angle_gamma   120.00
#
_symmetry.space_group_name_H-M   'P 31 2 1'
#
loop_
_entity.id
_entity.type
_entity.pdbx_description
1 polymer 'PROTEIN (IG ANTIBODY D2.3 (LIGHT CHAIN))'
2 polymer 'PROTEIN (IG ANTIBODY D2.3 (HEAVY CHAIN))'
3 non-polymer 'ZINC ION'
4 non-polymer PARA-NITROPHENYLPHOSPHONOBUTANOYL-GLYCINE
5 water water
#
loop_
_entity_poly.entity_id
_entity_poly.type
_entity_poly.pdbx_seq_one_letter_code
_entity_poly.pdbx_strand_id
1 'polypeptide(L)'
;DIVMTQSPLTLSVTIGQPASISCKSSQSLLYSNGKTYLNWLLQRPGQSPKRLIHLVSKLDSGVPDRITGSGSGTDFTLKI
SRVEAADLGVYYCVQGTHFPYTFGGGTKLEILRADAAPTVSIFPPSSEQLTSGGASVVCFLNNFYPKDINVKWKIDGSER
QNGVLNSWTDQDSKDSTYSMSSTLTLTKDEYERHNSYTCEATHKTSTSPIVKSFNRNEC
;
L
2 'polypeptide(L)'
;EMQLQQSGAELLRPGTSVKLSCKTSGYIFTSYWIHWVKQRSGQGLEWIARIYPGTGSTYYNEKFKGKATLTADKSSSTAY
MQLSTLKSEDSAVYFCTRWGFIPVREDYVMDYWGQGTLVTVSSAKTTAPSVYPLAPVCGDTTGSSVTLGCLVKGYFPEPV
TLTWNSGSLSSGVHTFPAVLQSDLYTLSSSVTVTSSTWPSQSITCNVAHPASSTKVDKKIEP
;
H
#
# COMPACT_ATOMS: atom_id res chain seq x y z
N ASP A 1 7.51 8.90 26.70
CA ASP A 1 8.29 8.75 25.44
C ASP A 1 8.31 10.09 24.73
N ILE A 2 9.26 10.27 23.83
CA ILE A 2 9.37 11.52 23.08
C ILE A 2 8.31 11.54 22.00
N VAL A 3 7.58 12.64 21.91
CA VAL A 3 6.56 12.80 20.87
C VAL A 3 7.22 13.58 19.74
N MET A 4 7.07 13.07 18.52
CA MET A 4 7.64 13.68 17.32
C MET A 4 6.50 14.21 16.43
N THR A 5 6.53 15.51 16.14
CA THR A 5 5.50 16.14 15.32
C THR A 5 6.04 16.60 13.98
N GLN A 6 5.42 16.15 12.88
CA GLN A 6 5.86 16.53 11.54
C GLN A 6 4.88 17.44 10.85
N SER A 7 5.41 18.41 10.11
CA SER A 7 4.62 19.36 9.37
C SER A 7 5.28 19.57 8.01
N PRO A 8 4.48 19.59 6.93
CA PRO A 8 3.02 19.43 6.95
C PRO A 8 2.62 17.95 6.83
N LEU A 9 1.32 17.68 6.79
CA LEU A 9 0.81 16.31 6.64
C LEU A 9 1.04 15.82 5.21
N THR A 10 0.81 16.71 4.26
CA THR A 10 1.00 16.43 2.85
C THR A 10 1.67 17.63 2.19
N LEU A 11 2.49 17.35 1.19
CA LEU A 11 3.21 18.36 0.45
C LEU A 11 2.96 18.05 -1.03
N SER A 12 2.59 19.06 -1.80
CA SER A 12 2.33 18.87 -3.23
C SER A 12 3.29 19.76 -4.00
N VAL A 13 4.26 19.17 -4.66
CA VAL A 13 5.29 19.94 -5.35
C VAL A 13 5.47 19.55 -6.81
N THR A 14 5.77 20.53 -7.65
CA THR A 14 6.01 20.24 -9.06
C THR A 14 7.46 19.83 -9.21
N ILE A 15 7.73 18.89 -10.12
CA ILE A 15 9.08 18.45 -10.38
C ILE A 15 9.97 19.68 -10.67
N GLY A 16 11.18 19.69 -10.10
CA GLY A 16 12.06 20.81 -10.31
C GLY A 16 12.01 21.83 -9.19
N GLN A 17 10.98 21.79 -8.35
CA GLN A 17 10.90 22.74 -7.27
C GLN A 17 11.41 22.16 -5.94
N PRO A 18 11.77 23.04 -5.00
CA PRO A 18 12.26 22.60 -3.70
C PRO A 18 11.13 22.24 -2.71
N ALA A 19 11.44 21.38 -1.75
CA ALA A 19 10.49 20.93 -0.75
C ALA A 19 11.18 21.00 0.61
N SER A 20 10.41 21.20 1.66
CA SER A 20 10.96 21.26 3.00
C SER A 20 9.95 20.63 3.97
N ILE A 21 10.47 19.81 4.88
CA ILE A 21 9.64 19.11 5.86
C ILE A 21 10.19 19.41 7.25
N SER A 22 9.29 19.63 8.19
CA SER A 22 9.67 19.94 9.53
C SER A 22 9.33 18.81 10.49
N CYS A 23 10.17 18.66 11.51
CA CYS A 23 9.99 17.67 12.54
C CYS A 23 10.42 18.32 13.87
N LYS A 24 9.51 18.28 14.84
CA LYS A 24 9.73 18.88 16.17
C LYS A 24 9.63 17.78 17.23
N SER A 25 10.42 17.88 18.29
CA SER A 25 10.38 16.87 19.35
C SER A 25 9.99 17.45 20.72
N SER A 26 9.45 16.60 21.59
CA SER A 26 9.06 17.05 22.91
C SER A 26 10.24 17.20 23.90
N GLN A 27 11.39 16.61 23.57
CA GLN A 27 12.61 16.71 24.38
C GLN A 27 13.72 17.05 23.41
N SER A 28 14.78 17.68 23.89
CA SER A 28 15.91 17.99 23.01
C SER A 28 16.47 16.62 22.65
N LEU A 29 16.99 16.48 21.44
CA LEU A 29 17.54 15.21 20.99
C LEU A 29 19.04 15.16 21.10
N LEU A 30 19.59 16.07 21.89
CA LEU A 30 21.03 16.08 22.11
C LEU A 30 21.35 14.97 23.15
N TYR A 31 22.13 13.97 22.74
CA TYR A 31 22.50 12.89 23.63
C TYR A 31 23.63 13.39 24.56
N SER A 32 23.87 12.69 25.66
CA SER A 32 24.90 13.11 26.61
C SER A 32 26.32 13.07 26.04
N ASN A 33 26.51 12.38 24.93
CA ASN A 33 27.83 12.33 24.31
C ASN A 33 27.97 13.49 23.31
N GLY A 34 26.95 14.35 23.23
CA GLY A 34 27.00 15.47 22.32
C GLY A 34 26.54 15.23 20.88
N LYS A 35 26.10 14.01 20.60
CA LYS A 35 25.61 13.68 19.27
C LYS A 35 24.10 13.76 19.28
N THR A 36 23.52 14.03 18.12
CA THR A 36 22.08 14.12 17.98
C THR A 36 21.61 13.01 17.01
N TYR A 37 20.93 12.02 17.56
CA TYR A 37 20.44 10.87 16.80
C TYR A 37 19.07 11.07 16.18
N LEU A 38 19.01 11.88 15.13
CA LEU A 38 17.77 12.16 14.43
C LEU A 38 17.97 11.62 13.02
N ASN A 39 17.04 10.75 12.61
CA ASN A 39 17.09 10.11 11.29
C ASN A 39 15.87 10.49 10.46
N TRP A 40 16.02 10.40 9.14
CA TRP A 40 14.92 10.64 8.21
C TRP A 40 14.84 9.44 7.31
N LEU A 41 13.62 8.91 7.15
CA LEU A 41 13.35 7.74 6.32
C LEU A 41 12.32 8.09 5.23
N LEU A 42 12.35 7.34 4.15
CA LEU A 42 11.40 7.49 3.06
C LEU A 42 10.76 6.13 2.82
N GLN A 43 9.43 6.09 2.75
CA GLN A 43 8.76 4.84 2.44
C GLN A 43 8.01 5.08 1.13
N ARG A 44 8.55 4.55 0.05
CA ARG A 44 7.94 4.68 -1.26
C ARG A 44 6.73 3.76 -1.35
N PRO A 45 5.78 4.10 -2.22
CA PRO A 45 4.58 3.27 -2.37
C PRO A 45 4.90 1.78 -2.56
N GLY A 46 4.35 0.97 -1.66
CA GLY A 46 4.53 -0.47 -1.69
C GLY A 46 5.92 -0.97 -1.36
N GLN A 47 6.75 -0.12 -0.75
CA GLN A 47 8.09 -0.53 -0.42
C GLN A 47 8.33 -0.40 1.09
N SER A 48 9.39 -1.03 1.58
CA SER A 48 9.77 -0.96 2.99
C SER A 48 10.44 0.40 3.16
N PRO A 49 10.48 0.93 4.40
CA PRO A 49 11.12 2.25 4.61
C PRO A 49 12.63 2.15 4.31
N LYS A 50 13.26 3.28 4.04
CA LYS A 50 14.70 3.33 3.77
C LYS A 50 15.27 4.60 4.42
N ARG A 51 16.43 4.50 5.07
CA ARG A 51 17.02 5.67 5.70
C ARG A 51 17.72 6.56 4.67
N LEU A 52 17.44 7.85 4.77
CA LEU A 52 18.01 8.87 3.90
C LEU A 52 19.11 9.63 4.65
N ILE A 53 18.85 9.96 5.90
CA ILE A 53 19.77 10.75 6.71
C ILE A 53 19.93 10.20 8.14
N HIS A 54 21.13 10.34 8.70
CA HIS A 54 21.40 9.95 10.09
C HIS A 54 22.20 11.10 10.70
N LEU A 55 22.23 11.16 12.02
CA LEU A 55 22.96 12.21 12.72
C LEU A 55 22.60 13.60 12.20
N VAL A 56 21.31 13.80 11.99
CA VAL A 56 20.75 15.09 11.53
C VAL A 56 21.02 15.55 10.10
N SER A 57 22.28 15.48 9.67
CA SER A 57 22.67 15.99 8.36
C SER A 57 23.56 15.12 7.51
N LYS A 58 23.86 13.91 7.98
CA LYS A 58 24.72 13.01 7.24
C LYS A 58 23.90 12.10 6.35
N LEU A 59 24.19 12.15 5.06
CA LEU A 59 23.49 11.34 4.07
C LEU A 59 23.96 9.90 4.09
N ASP A 60 23.05 8.95 3.92
CA ASP A 60 23.46 7.56 3.87
C ASP A 60 24.05 7.33 2.49
N SER A 61 24.80 6.25 2.34
CA SER A 61 25.42 5.95 1.05
C SER A 61 24.37 5.73 -0.03
N GLY A 62 24.63 6.26 -1.21
CA GLY A 62 23.73 6.10 -2.32
C GLY A 62 22.53 7.02 -2.31
N VAL A 63 22.46 7.95 -1.37
CA VAL A 63 21.34 8.88 -1.31
C VAL A 63 21.80 10.15 -2.04
N PRO A 64 20.97 10.67 -2.96
CA PRO A 64 21.26 11.88 -3.74
C PRO A 64 21.45 13.10 -2.83
N ASP A 65 22.47 13.92 -3.10
CA ASP A 65 22.70 15.08 -2.27
C ASP A 65 21.78 16.25 -2.54
N ARG A 66 20.70 16.00 -3.29
CA ARG A 66 19.65 17.00 -3.56
C ARG A 66 18.94 17.13 -2.21
N ILE A 67 19.06 16.08 -1.41
CA ILE A 67 18.46 16.00 -0.10
C ILE A 67 19.45 16.42 0.97
N THR A 68 19.01 17.28 1.86
CA THR A 68 19.86 17.75 2.94
C THR A 68 19.04 17.81 4.21
N GLY A 69 19.70 17.73 5.36
CA GLY A 69 18.99 17.82 6.62
C GLY A 69 19.67 18.81 7.54
N SER A 70 18.92 19.42 8.44
CA SER A 70 19.50 20.36 9.39
C SER A 70 18.63 20.44 10.65
N GLY A 71 19.07 21.23 11.62
CA GLY A 71 18.34 21.39 12.86
C GLY A 71 19.18 21.01 14.06
N SER A 72 18.60 21.16 15.25
CA SER A 72 19.25 20.80 16.51
C SER A 72 18.25 21.00 17.65
N GLY A 73 18.56 20.43 18.81
CA GLY A 73 17.68 20.56 19.94
C GLY A 73 16.38 19.84 19.70
N THR A 74 15.32 20.60 19.42
CA THR A 74 13.97 20.05 19.19
C THR A 74 13.39 20.34 17.81
N ASP A 75 14.13 21.06 16.97
CA ASP A 75 13.66 21.46 15.65
C ASP A 75 14.54 21.00 14.51
N PHE A 76 13.97 20.22 13.60
CA PHE A 76 14.72 19.66 12.48
C PHE A 76 13.98 19.84 11.15
N THR A 77 14.75 19.88 10.06
CA THR A 77 14.18 20.09 8.74
C THR A 77 14.87 19.26 7.66
N LEU A 78 14.07 18.67 6.77
CA LEU A 78 14.62 17.93 5.64
C LEU A 78 14.26 18.79 4.44
N LYS A 79 15.23 19.03 3.58
CA LYS A 79 14.99 19.82 2.37
C LYS A 79 15.43 19.06 1.15
N ILE A 80 14.62 19.16 0.09
CA ILE A 80 14.89 18.54 -1.20
C ILE A 80 15.07 19.76 -2.11
N SER A 81 16.29 19.94 -2.62
CA SER A 81 16.63 21.08 -3.44
C SER A 81 15.86 21.15 -4.75
N ARG A 82 15.69 20.01 -5.38
CA ARG A 82 15.01 19.92 -6.66
C ARG A 82 14.28 18.59 -6.69
N VAL A 83 12.95 18.63 -6.67
CA VAL A 83 12.13 17.42 -6.68
C VAL A 83 12.09 16.66 -8.00
N GLU A 84 12.22 15.35 -7.91
CA GLU A 84 12.16 14.45 -9.06
C GLU A 84 11.01 13.49 -8.75
N ALA A 85 10.51 12.80 -9.76
CA ALA A 85 9.38 11.85 -9.58
C ALA A 85 9.66 10.74 -8.56
N ALA A 86 10.92 10.32 -8.43
CA ALA A 86 11.31 9.27 -7.50
C ALA A 86 11.19 9.67 -6.02
N ASP A 87 10.95 10.95 -5.75
CA ASP A 87 10.83 11.43 -4.36
C ASP A 87 9.45 11.20 -3.75
N LEU A 88 8.51 10.75 -4.57
CA LEU A 88 7.14 10.50 -4.13
C LEU A 88 7.07 9.41 -3.03
N GLY A 89 6.32 9.68 -1.97
CA GLY A 89 6.20 8.71 -0.89
C GLY A 89 6.00 9.42 0.43
N VAL A 90 6.16 8.70 1.54
CA VAL A 90 5.98 9.31 2.85
C VAL A 90 7.33 9.40 3.58
N TYR A 91 7.62 10.59 4.12
CA TYR A 91 8.86 10.84 4.85
C TYR A 91 8.58 10.85 6.33
N TYR A 92 9.45 10.20 7.10
CA TYR A 92 9.30 10.14 8.55
C TYR A 92 10.59 10.54 9.22
N CYS A 93 10.51 11.23 10.35
CA CYS A 93 11.71 11.54 11.13
C CYS A 93 11.60 10.55 12.27
N VAL A 94 12.72 10.05 12.74
CA VAL A 94 12.72 9.09 13.84
C VAL A 94 13.93 9.39 14.73
N GLN A 95 13.69 9.52 16.04
CA GLN A 95 14.74 9.83 16.99
C GLN A 95 15.23 8.59 17.72
N GLY A 96 16.54 8.51 17.91
CA GLY A 96 17.13 7.39 18.63
C GLY A 96 17.87 7.80 19.90
N THR A 97 17.76 9.07 20.28
CA THR A 97 18.43 9.62 21.46
C THR A 97 17.83 9.14 22.77
N HIS A 98 16.51 9.02 22.81
CA HIS A 98 15.80 8.61 24.00
C HIS A 98 15.09 7.29 23.79
N PHE A 99 15.26 6.37 24.75
CA PHE A 99 14.63 5.07 24.68
C PHE A 99 13.20 5.20 25.25
N PRO A 100 12.19 4.63 24.57
CA PRO A 100 12.28 3.87 23.31
C PRO A 100 12.28 4.83 22.12
N TYR A 101 12.84 4.39 21.00
CA TYR A 101 12.92 5.20 19.77
C TYR A 101 11.50 5.47 19.25
N THR A 102 11.26 6.69 18.80
CA THR A 102 9.93 7.10 18.33
C THR A 102 9.98 7.82 16.98
N PHE A 103 8.90 7.65 16.21
CA PHE A 103 8.75 8.21 14.88
C PHE A 103 7.74 9.34 14.85
N GLY A 104 7.87 10.19 13.84
CA GLY A 104 6.91 11.26 13.63
C GLY A 104 5.76 10.61 12.86
N GLY A 105 4.67 11.34 12.66
CA GLY A 105 3.51 10.80 11.97
C GLY A 105 3.64 10.62 10.47
N GLY A 106 4.67 11.22 9.87
CA GLY A 106 4.87 11.10 8.44
C GLY A 106 4.35 12.29 7.66
N THR A 107 4.93 12.52 6.49
CA THR A 107 4.52 13.59 5.58
C THR A 107 4.49 13.01 4.18
N LYS A 108 3.34 13.06 3.54
CA LYS A 108 3.26 12.51 2.20
C LYS A 108 3.63 13.57 1.16
N LEU A 109 4.54 13.23 0.27
CA LEU A 109 4.95 14.15 -0.79
C LEU A 109 4.25 13.67 -2.07
N GLU A 110 3.46 14.54 -2.66
CA GLU A 110 2.77 14.20 -3.90
C GLU A 110 3.28 15.12 -5.00
N ILE A 111 3.45 14.56 -6.19
CA ILE A 111 3.94 15.33 -7.33
C ILE A 111 2.78 16.09 -7.97
N LEU A 112 2.89 17.41 -7.95
CA LEU A 112 1.89 18.29 -8.50
C LEU A 112 2.04 18.41 -10.01
N ARG A 113 1.05 17.94 -10.76
CA ARG A 113 1.12 18.00 -12.23
C ARG A 113 -0.08 18.74 -12.84
N ALA A 114 -0.14 18.78 -14.17
CA ALA A 114 -1.23 19.45 -14.88
C ALA A 114 -2.52 18.65 -14.67
N ASP A 115 -3.64 19.37 -14.57
CA ASP A 115 -4.94 18.72 -14.41
C ASP A 115 -5.16 17.69 -15.48
N ALA A 116 -5.78 16.59 -15.09
CA ALA A 116 -6.06 15.52 -16.04
C ALA A 116 -7.49 15.03 -15.78
N ALA A 117 -8.27 14.96 -16.85
CA ALA A 117 -9.65 14.50 -16.77
C ALA A 117 -9.66 12.98 -16.80
N PRO A 118 -10.56 12.37 -16.04
CA PRO A 118 -10.69 10.92 -15.96
C PRO A 118 -11.15 10.25 -17.24
N THR A 119 -10.68 9.04 -17.47
CA THR A 119 -11.13 8.24 -18.59
C THR A 119 -12.02 7.24 -17.85
N VAL A 120 -13.31 7.28 -18.14
CA VAL A 120 -14.29 6.43 -17.47
C VAL A 120 -14.80 5.27 -18.33
N SER A 121 -14.83 4.08 -17.72
CA SER A 121 -15.31 2.86 -18.34
C SER A 121 -16.37 2.24 -17.45
N ILE A 122 -17.47 1.79 -18.01
CA ILE A 122 -18.54 1.17 -17.22
C ILE A 122 -18.75 -0.28 -17.73
N PHE A 123 -18.98 -1.20 -16.79
CA PHE A 123 -19.16 -2.61 -17.10
C PHE A 123 -20.38 -3.21 -16.41
N PRO A 124 -21.28 -3.81 -17.19
CA PRO A 124 -22.49 -4.45 -16.67
C PRO A 124 -22.07 -5.78 -16.03
N PRO A 125 -22.98 -6.45 -15.29
CA PRO A 125 -22.66 -7.74 -14.64
C PRO A 125 -22.29 -8.82 -15.65
N SER A 126 -21.38 -9.71 -15.29
CA SER A 126 -21.03 -10.80 -16.18
C SER A 126 -22.09 -11.91 -16.06
N SER A 127 -22.19 -12.75 -17.08
CA SER A 127 -23.15 -13.86 -17.08
C SER A 127 -22.86 -14.75 -15.89
N GLU A 128 -21.57 -14.96 -15.66
CA GLU A 128 -21.10 -15.80 -14.57
C GLU A 128 -21.71 -15.36 -13.26
N GLN A 129 -21.62 -14.06 -12.96
CA GLN A 129 -22.15 -13.55 -11.70
C GLN A 129 -23.67 -13.61 -11.62
N LEU A 130 -24.33 -13.24 -12.72
CA LEU A 130 -25.78 -13.26 -12.75
C LEU A 130 -26.29 -14.65 -12.38
N THR A 131 -25.61 -15.67 -12.89
CA THR A 131 -25.95 -17.06 -12.62
C THR A 131 -26.06 -17.31 -11.11
N SER A 132 -25.11 -16.77 -10.36
CA SER A 132 -25.09 -16.93 -8.91
C SER A 132 -26.11 -16.06 -8.18
N GLY A 133 -26.91 -15.30 -8.93
CA GLY A 133 -27.91 -14.46 -8.30
C GLY A 133 -27.43 -13.11 -7.79
N GLY A 134 -26.27 -12.68 -8.26
CA GLY A 134 -25.73 -11.40 -7.85
C GLY A 134 -25.47 -10.55 -9.07
N ALA A 135 -25.36 -9.23 -8.88
CA ALA A 135 -25.11 -8.36 -10.02
C ALA A 135 -24.28 -7.16 -9.60
N SER A 136 -23.08 -7.05 -10.15
CA SER A 136 -22.23 -5.90 -9.83
C SER A 136 -21.97 -5.09 -11.07
N VAL A 137 -22.17 -3.78 -10.97
CA VAL A 137 -21.92 -2.87 -12.07
C VAL A 137 -20.64 -2.12 -11.64
N VAL A 138 -19.61 -2.18 -12.50
CA VAL A 138 -18.31 -1.57 -12.21
C VAL A 138 -17.95 -0.37 -13.06
N CYS A 139 -17.41 0.64 -12.40
CA CYS A 139 -16.98 1.85 -13.08
C CYS A 139 -15.53 2.18 -12.74
N PHE A 140 -14.70 2.34 -13.77
CA PHE A 140 -13.29 2.70 -13.59
C PHE A 140 -13.10 4.12 -14.06
N LEU A 141 -12.50 4.94 -13.22
CA LEU A 141 -12.20 6.34 -13.56
C LEU A 141 -10.68 6.40 -13.49
N ASN A 142 -10.06 6.28 -14.66
CA ASN A 142 -8.61 6.24 -14.74
C ASN A 142 -7.88 7.53 -15.12
N ASN A 143 -6.67 7.63 -14.56
CA ASN A 143 -5.74 8.72 -14.83
C ASN A 143 -6.22 10.15 -14.74
N PHE A 144 -6.60 10.57 -13.55
CA PHE A 144 -7.05 11.94 -13.38
C PHE A 144 -6.17 12.64 -12.35
N TYR A 145 -6.22 13.96 -12.38
CA TYR A 145 -5.49 14.79 -11.44
C TYR A 145 -6.20 16.15 -11.43
N PRO A 146 -6.47 16.73 -10.24
CA PRO A 146 -6.17 16.31 -8.86
C PRO A 146 -6.91 15.06 -8.42
N LYS A 147 -6.54 14.55 -7.25
CA LYS A 147 -7.13 13.34 -6.69
C LYS A 147 -8.58 13.50 -6.27
N ASP A 148 -8.97 14.73 -5.90
CA ASP A 148 -10.32 15.02 -5.43
C ASP A 148 -11.41 14.79 -6.50
N ILE A 149 -12.27 13.81 -6.24
CA ILE A 149 -13.32 13.48 -7.19
C ILE A 149 -14.52 12.89 -6.44
N ASN A 150 -15.71 13.17 -6.95
CA ASN A 150 -16.94 12.66 -6.33
C ASN A 150 -17.70 11.77 -7.33
N VAL A 151 -17.94 10.53 -6.94
CA VAL A 151 -18.66 9.57 -7.77
C VAL A 151 -20.00 9.17 -7.17
N LYS A 152 -21.05 9.26 -7.97
CA LYS A 152 -22.38 8.86 -7.53
C LYS A 152 -23.00 7.91 -8.53
N TRP A 153 -23.83 6.99 -8.03
CA TRP A 153 -24.51 6.05 -8.89
C TRP A 153 -25.96 6.46 -8.96
N LYS A 154 -26.52 6.38 -10.16
CA LYS A 154 -27.91 6.70 -10.40
C LYS A 154 -28.52 5.59 -11.23
N ILE A 155 -29.65 5.10 -10.77
CA ILE A 155 -30.39 4.03 -11.45
C ILE A 155 -31.75 4.61 -11.83
N ASP A 156 -32.01 4.70 -13.13
CA ASP A 156 -33.26 5.22 -13.63
C ASP A 156 -33.55 6.62 -13.10
N GLY A 157 -32.49 7.42 -13.03
CA GLY A 157 -32.61 8.78 -12.56
C GLY A 157 -32.57 9.04 -11.07
N SER A 158 -32.51 8.01 -10.24
CA SER A 158 -32.47 8.27 -8.81
C SER A 158 -31.14 7.78 -8.25
N GLU A 159 -30.58 8.54 -7.33
CA GLU A 159 -29.29 8.20 -6.73
C GLU A 159 -29.37 6.98 -5.82
N ARG A 160 -28.41 6.09 -5.96
CA ARG A 160 -28.33 4.86 -5.19
C ARG A 160 -27.08 4.95 -4.31
N GLN A 161 -27.27 4.90 -2.99
CA GLN A 161 -26.16 5.02 -2.05
C GLN A 161 -25.78 3.71 -1.36
N ASN A 162 -26.71 2.78 -1.28
CA ASN A 162 -26.44 1.51 -0.64
C ASN A 162 -25.86 0.50 -1.64
N GLY A 163 -24.88 -0.27 -1.19
CA GLY A 163 -24.22 -1.27 -2.03
C GLY A 163 -23.03 -0.78 -2.84
N VAL A 164 -22.46 0.38 -2.50
CA VAL A 164 -21.32 0.93 -3.25
C VAL A 164 -19.98 0.68 -2.56
N LEU A 165 -19.00 0.25 -3.34
CA LEU A 165 -17.68 -0.06 -2.82
C LEU A 165 -16.67 0.71 -3.67
N ASN A 166 -15.95 1.66 -3.07
CA ASN A 166 -14.95 2.45 -3.77
C ASN A 166 -13.52 2.13 -3.35
N SER A 167 -12.60 2.23 -4.29
CA SER A 167 -11.19 2.00 -4.03
C SER A 167 -10.36 2.95 -4.89
N TRP A 168 -9.24 3.43 -4.36
CA TRP A 168 -8.36 4.35 -5.08
C TRP A 168 -6.93 3.83 -5.08
N THR A 169 -6.17 4.17 -6.11
CA THR A 169 -4.77 3.77 -6.14
C THR A 169 -3.98 4.96 -5.59
N ASP A 170 -2.71 4.75 -5.28
CA ASP A 170 -1.87 5.84 -4.81
C ASP A 170 -1.43 6.57 -6.09
N GLN A 171 -0.72 7.68 -5.97
CA GLN A 171 -0.27 8.41 -7.15
C GLN A 171 0.69 7.58 -7.97
N ASP A 172 0.44 7.54 -9.28
CA ASP A 172 1.28 6.78 -10.19
C ASP A 172 2.62 7.44 -10.46
N SER A 173 3.68 6.64 -10.33
CA SER A 173 5.05 7.08 -10.57
C SER A 173 5.23 7.48 -12.03
N LYS A 174 4.69 6.66 -12.92
CA LYS A 174 4.82 6.89 -14.36
C LYS A 174 4.22 8.18 -14.93
N ASP A 175 3.09 8.63 -14.40
CA ASP A 175 2.48 9.86 -14.91
C ASP A 175 1.87 10.79 -13.87
N SER A 176 2.07 10.46 -12.60
CA SER A 176 1.57 11.25 -11.49
C SER A 176 0.06 11.42 -11.42
N THR A 177 -0.67 10.48 -12.00
CA THR A 177 -2.14 10.55 -11.95
C THR A 177 -2.65 9.54 -10.94
N TYR A 178 -3.96 9.63 -10.65
CA TYR A 178 -4.65 8.71 -9.74
C TYR A 178 -5.72 7.97 -10.54
N SER A 179 -6.16 6.84 -10.02
CA SER A 179 -7.22 6.02 -10.65
C SER A 179 -8.16 5.57 -9.54
N MET A 180 -9.41 5.35 -9.90
CA MET A 180 -10.42 4.94 -8.94
C MET A 180 -11.35 3.87 -9.52
N SER A 181 -11.85 3.02 -8.65
CA SER A 181 -12.76 1.93 -9.01
C SER A 181 -13.98 2.08 -8.11
N SER A 182 -15.16 1.94 -8.70
CA SER A 182 -16.41 2.05 -7.96
C SER A 182 -17.32 0.91 -8.41
N THR A 183 -17.74 0.09 -7.47
CA THR A 183 -18.58 -1.05 -7.78
C THR A 183 -19.93 -0.97 -7.06
N LEU A 184 -21.02 -1.09 -7.81
CA LEU A 184 -22.35 -1.08 -7.22
C LEU A 184 -22.87 -2.53 -7.30
N THR A 185 -23.22 -3.12 -6.15
CA THR A 185 -23.69 -4.49 -6.15
C THR A 185 -25.15 -4.62 -5.71
N LEU A 186 -25.94 -5.38 -6.47
CA LEU A 186 -27.37 -5.60 -6.16
C LEU A 186 -27.68 -7.06 -6.44
N THR A 187 -28.90 -7.45 -6.14
CA THR A 187 -29.33 -8.82 -6.40
C THR A 187 -29.59 -8.90 -7.89
N LYS A 188 -29.60 -10.11 -8.42
CA LYS A 188 -29.88 -10.31 -9.83
C LYS A 188 -31.29 -9.82 -10.14
N ASP A 189 -32.21 -10.15 -9.25
CA ASP A 189 -33.61 -9.77 -9.47
C ASP A 189 -33.83 -8.28 -9.58
N GLU A 190 -33.21 -7.51 -8.68
CA GLU A 190 -33.40 -6.06 -8.74
C GLU A 190 -32.69 -5.47 -9.94
N TYR A 191 -31.53 -6.02 -10.26
CA TYR A 191 -30.76 -5.55 -11.40
C TYR A 191 -31.63 -5.64 -12.65
N GLU A 192 -32.36 -6.75 -12.77
CA GLU A 192 -33.21 -6.99 -13.92
C GLU A 192 -34.52 -6.23 -13.93
N ARG A 193 -34.73 -5.40 -12.93
CA ARG A 193 -35.96 -4.60 -12.83
C ARG A 193 -35.76 -3.15 -13.30
N HIS A 194 -34.51 -2.71 -13.43
CA HIS A 194 -34.23 -1.34 -13.84
C HIS A 194 -33.69 -1.31 -15.25
N ASN A 195 -33.56 -0.11 -15.80
CA ASN A 195 -33.08 0.04 -17.17
C ASN A 195 -31.74 0.73 -17.33
N SER A 196 -31.64 1.98 -16.86
CA SER A 196 -30.43 2.79 -16.98
C SER A 196 -29.54 2.80 -15.74
N TYR A 197 -28.25 2.53 -15.93
CA TYR A 197 -27.29 2.52 -14.83
C TYR A 197 -26.25 3.56 -15.15
N THR A 198 -26.16 4.58 -14.30
CA THR A 198 -25.21 5.67 -14.52
C THR A 198 -24.17 5.90 -13.44
N CYS A 199 -22.93 6.02 -13.90
CA CYS A 199 -21.75 6.29 -13.09
C CYS A 199 -21.54 7.80 -13.35
N GLU A 200 -21.62 8.62 -12.31
CA GLU A 200 -21.47 10.06 -12.51
C GLU A 200 -20.37 10.63 -11.64
N ALA A 201 -19.49 11.44 -12.22
CA ALA A 201 -18.38 12.03 -11.46
C ALA A 201 -18.29 13.55 -11.51
N THR A 202 -17.76 14.09 -10.41
CA THR A 202 -17.55 15.53 -10.24
C THR A 202 -16.03 15.69 -10.11
N HIS A 203 -15.45 16.50 -10.98
CA HIS A 203 -14.01 16.73 -10.97
C HIS A 203 -13.69 18.15 -11.45
N LYS A 204 -12.55 18.66 -11.01
CA LYS A 204 -12.04 19.99 -11.33
C LYS A 204 -12.04 20.26 -12.85
N THR A 205 -11.75 19.22 -13.64
CA THR A 205 -11.70 19.33 -15.08
C THR A 205 -13.02 19.53 -15.83
N SER A 206 -14.13 19.68 -15.10
CA SER A 206 -15.42 19.85 -15.74
C SER A 206 -16.43 20.64 -14.91
N THR A 207 -17.14 21.55 -15.57
CA THR A 207 -18.16 22.37 -14.92
C THR A 207 -19.43 21.57 -14.69
N SER A 208 -19.60 20.51 -15.47
CA SER A 208 -20.76 19.65 -15.34
C SER A 208 -20.29 18.23 -15.00
N PRO A 209 -21.18 17.42 -14.42
CA PRO A 209 -20.77 16.06 -14.08
C PRO A 209 -20.33 15.25 -15.31
N ILE A 210 -19.35 14.39 -15.10
CA ILE A 210 -18.80 13.52 -16.12
C ILE A 210 -19.63 12.24 -16.01
N VAL A 211 -20.25 11.84 -17.12
CA VAL A 211 -21.16 10.70 -17.15
C VAL A 211 -20.80 9.51 -18.06
N LYS A 212 -21.15 8.33 -17.57
CA LYS A 212 -20.97 7.09 -18.31
C LYS A 212 -22.14 6.20 -17.89
N SER A 213 -22.91 5.74 -18.87
CA SER A 213 -24.05 4.90 -18.54
C SER A 213 -24.34 3.87 -19.61
N PHE A 214 -25.27 2.98 -19.30
CA PHE A 214 -25.70 1.97 -20.25
C PHE A 214 -27.14 1.63 -19.87
N ASN A 215 -27.91 1.21 -20.87
CA ASN A 215 -29.28 0.80 -20.67
C ASN A 215 -29.31 -0.69 -20.93
N ARG A 216 -29.82 -1.46 -19.98
CA ARG A 216 -29.89 -2.90 -20.19
C ARG A 216 -31.24 -3.22 -20.84
N ASN A 217 -31.23 -4.23 -21.72
CA ASN A 217 -32.43 -4.69 -22.41
C ASN A 217 -32.17 -6.13 -22.85
N GLU A 218 -32.74 -6.56 -23.98
CA GLU A 218 -32.54 -7.94 -24.45
C GLU A 218 -32.67 -8.10 -25.96
N CYS A 219 -31.68 -8.78 -26.57
CA CYS A 219 -31.60 -9.11 -28.01
C CYS A 219 -30.17 -8.98 -28.53
N GLU B 1 25.62 -9.27 -1.74
CA GLU B 1 24.22 -8.79 -1.78
C GLU B 1 23.53 -9.21 -0.48
N MET B 2 23.30 -8.20 0.34
CA MET B 2 22.70 -8.34 1.63
C MET B 2 21.17 -8.38 1.47
N GLN B 3 20.55 -9.44 1.97
CA GLN B 3 19.10 -9.62 1.86
C GLN B 3 18.40 -10.22 3.08
N LEU B 4 17.21 -9.72 3.38
CA LEU B 4 16.39 -10.19 4.49
C LEU B 4 15.04 -10.61 3.92
N GLN B 5 14.70 -11.89 4.06
CA GLN B 5 13.44 -12.42 3.57
C GLN B 5 12.51 -12.80 4.71
N GLN B 6 11.33 -12.19 4.75
CA GLN B 6 10.37 -12.46 5.81
C GLN B 6 9.31 -13.46 5.41
N SER B 7 8.75 -14.16 6.39
CA SER B 7 7.71 -15.15 6.16
C SER B 7 6.43 -14.53 5.59
N GLY B 8 5.53 -15.38 5.11
CA GLY B 8 4.30 -14.93 4.49
C GLY B 8 3.23 -14.43 5.43
N ALA B 9 2.19 -13.83 4.85
CA ALA B 9 1.06 -13.27 5.59
C ALA B 9 0.42 -14.30 6.53
N GLU B 10 0.01 -13.85 7.71
CA GLU B 10 -0.60 -14.71 8.71
C GLU B 10 -1.99 -14.25 9.09
N LEU B 11 -2.91 -15.20 9.27
CA LEU B 11 -4.27 -14.91 9.73
C LEU B 11 -4.25 -15.67 11.06
N LEU B 12 -4.39 -14.94 12.18
CA LEU B 12 -4.35 -15.54 13.52
C LEU B 12 -5.63 -15.36 14.28
N ARG B 13 -5.98 -16.39 15.02
CA ARG B 13 -7.19 -16.34 15.81
C ARG B 13 -6.92 -15.51 17.06
N PRO B 14 -7.92 -14.74 17.52
CA PRO B 14 -7.74 -13.93 18.71
C PRO B 14 -7.29 -14.78 19.90
N GLY B 15 -6.31 -14.28 20.65
CA GLY B 15 -5.83 -15.00 21.81
C GLY B 15 -4.75 -16.03 21.57
N THR B 16 -4.41 -16.30 20.33
CA THR B 16 -3.37 -17.27 20.04
C THR B 16 -2.02 -16.53 19.82
N SER B 17 -0.99 -17.23 19.39
CA SER B 17 0.29 -16.57 19.17
C SER B 17 0.89 -17.00 17.84
N VAL B 18 1.88 -16.25 17.36
CA VAL B 18 2.56 -16.57 16.11
C VAL B 18 4.02 -16.25 16.22
N LYS B 19 4.81 -16.92 15.37
CA LYS B 19 6.23 -16.69 15.31
C LYS B 19 6.56 -16.30 13.87
N LEU B 20 7.08 -15.09 13.73
CA LEU B 20 7.46 -14.56 12.43
C LEU B 20 8.96 -14.78 12.23
N SER B 21 9.37 -15.09 11.00
CA SER B 21 10.80 -15.27 10.75
C SER B 21 11.39 -14.25 9.79
N CYS B 22 12.69 -14.02 9.92
CA CYS B 22 13.41 -13.06 9.10
C CYS B 22 14.74 -13.71 8.76
N LYS B 23 14.78 -14.32 7.58
CA LYS B 23 15.99 -15.03 7.10
C LYS B 23 16.93 -14.06 6.43
N THR B 24 18.18 -14.04 6.86
CA THR B 24 19.14 -13.13 6.26
C THR B 24 20.24 -13.84 5.49
N SER B 25 20.87 -13.09 4.60
CA SER B 25 21.99 -13.60 3.81
C SER B 25 22.84 -12.41 3.35
N GLY B 26 24.07 -12.73 2.94
CA GLY B 26 24.95 -11.71 2.43
C GLY B 26 25.79 -10.92 3.39
N TYR B 27 25.75 -11.25 4.67
CA TYR B 27 26.57 -10.54 5.64
C TYR B 27 26.79 -11.42 6.85
N ILE B 28 27.63 -11.00 7.78
CA ILE B 28 27.90 -11.80 8.98
C ILE B 28 26.80 -11.52 10.00
N PHE B 29 25.82 -12.42 10.05
CA PHE B 29 24.65 -12.37 10.93
C PHE B 29 24.89 -12.00 12.41
N THR B 30 25.90 -12.62 13.01
CA THR B 30 26.22 -12.40 14.41
C THR B 30 26.88 -11.06 14.75
N SER B 31 27.24 -10.28 13.75
CA SER B 31 27.91 -9.01 13.99
C SER B 31 27.07 -7.74 13.97
N TYR B 32 25.78 -7.85 13.69
CA TYR B 32 24.92 -6.67 13.61
C TYR B 32 23.60 -6.81 14.34
N TRP B 33 23.10 -5.70 14.86
CA TRP B 33 21.81 -5.72 15.54
C TRP B 33 20.69 -5.80 14.51
N ILE B 34 19.64 -6.54 14.84
CA ILE B 34 18.48 -6.66 13.99
C ILE B 34 17.35 -6.03 14.81
N HIS B 35 16.59 -5.14 14.20
CA HIS B 35 15.50 -4.44 14.88
C HIS B 35 14.18 -4.88 14.25
N TRP B 36 13.11 -4.75 15.01
CA TRP B 36 11.78 -5.08 14.50
C TRP B 36 10.94 -3.82 14.66
N VAL B 37 10.20 -3.48 13.61
CA VAL B 37 9.36 -2.29 13.56
C VAL B 37 7.94 -2.66 13.13
N LYS B 38 6.96 -1.99 13.73
CA LYS B 38 5.55 -2.26 13.46
C LYS B 38 4.89 -1.11 12.70
N GLN B 39 4.02 -1.44 11.75
CA GLN B 39 3.32 -0.41 11.00
C GLN B 39 1.82 -0.70 10.92
N ARG B 40 1.02 0.20 11.48
CA ARG B 40 -0.44 0.05 11.46
C ARG B 40 -1.09 1.07 10.54
N SER B 41 -2.17 0.63 9.90
CA SER B 41 -2.98 1.40 8.96
C SER B 41 -2.25 2.26 7.92
N GLY B 42 -0.93 2.26 7.93
CA GLY B 42 -0.16 3.05 7.00
C GLY B 42 0.90 3.88 7.72
N GLN B 43 0.69 5.19 7.76
CA GLN B 43 1.64 6.12 8.38
C GLN B 43 2.03 5.93 9.86
N GLY B 44 1.54 4.89 10.52
CA GLY B 44 1.86 4.69 11.93
C GLY B 44 2.96 3.68 12.26
N LEU B 45 4.20 4.16 12.42
CA LEU B 45 5.34 3.30 12.74
C LEU B 45 5.75 3.31 14.23
N GLU B 46 6.14 2.13 14.73
CA GLU B 46 6.57 1.98 16.13
C GLU B 46 7.75 1.06 16.16
N TRP B 47 8.67 1.34 17.08
CA TRP B 47 9.88 0.54 17.25
C TRP B 47 9.57 -0.49 18.35
N ILE B 48 9.80 -1.77 18.05
CA ILE B 48 9.50 -2.83 18.99
C ILE B 48 10.67 -3.26 19.88
N ALA B 49 11.74 -3.79 19.25
CA ALA B 49 12.90 -4.29 19.98
C ALA B 49 14.07 -4.58 19.04
N ARG B 50 15.23 -4.91 19.63
CA ARG B 50 16.44 -5.25 18.89
C ARG B 50 17.19 -6.37 19.55
N ILE B 51 17.87 -7.16 18.75
CA ILE B 51 18.63 -8.28 19.26
C ILE B 51 19.97 -8.34 18.55
N TYR B 52 20.99 -8.76 19.31
CA TYR B 52 22.34 -8.93 18.79
C TYR B 52 22.50 -10.44 18.72
N PRO B 53 22.38 -11.03 17.53
CA PRO B 53 22.49 -12.47 17.36
C PRO B 53 23.75 -13.10 17.93
N GLY B 54 24.86 -12.37 17.91
CA GLY B 54 26.10 -12.90 18.43
C GLY B 54 25.99 -13.32 19.88
N THR B 55 25.30 -12.53 20.69
CA THR B 55 25.17 -12.82 22.12
C THR B 55 23.76 -13.19 22.60
N GLY B 56 22.74 -12.82 21.83
CA GLY B 56 21.38 -13.09 22.24
C GLY B 56 20.81 -11.92 23.02
N SER B 57 21.64 -10.89 23.22
CA SER B 57 21.24 -9.68 23.96
C SER B 57 20.08 -8.95 23.27
N THR B 58 19.02 -8.68 24.02
CA THR B 58 17.85 -8.00 23.49
C THR B 58 17.43 -6.80 24.36
N TYR B 59 16.77 -5.82 23.74
CA TYR B 59 16.26 -4.63 24.42
C TYR B 59 14.84 -4.41 23.91
N TYR B 60 13.90 -4.22 24.81
CA TYR B 60 12.51 -4.06 24.38
C TYR B 60 11.92 -2.73 24.73
N ASN B 61 11.00 -2.28 23.87
CA ASN B 61 10.22 -1.07 24.09
C ASN B 61 9.28 -1.59 25.20
N GLU B 62 9.16 -0.84 26.29
CA GLU B 62 8.31 -1.23 27.41
C GLU B 62 6.94 -1.74 26.99
N LYS B 63 6.31 -1.02 26.07
CA LYS B 63 4.99 -1.37 25.56
C LYS B 63 4.87 -2.80 25.08
N PHE B 64 5.97 -3.35 24.55
CA PHE B 64 5.96 -4.70 23.99
C PHE B 64 6.49 -5.82 24.86
N LYS B 65 6.85 -5.53 26.10
CA LYS B 65 7.35 -6.56 27.01
C LYS B 65 6.19 -7.49 27.31
N GLY B 66 6.38 -8.77 27.08
CA GLY B 66 5.31 -9.73 27.29
C GLY B 66 4.53 -9.95 26.00
N LYS B 67 4.59 -9.02 25.06
CA LYS B 67 3.91 -9.18 23.79
C LYS B 67 4.85 -9.78 22.74
N ALA B 68 6.08 -9.27 22.67
CA ALA B 68 7.07 -9.74 21.71
C ALA B 68 8.26 -10.46 22.36
N THR B 69 8.76 -11.49 21.71
CA THR B 69 9.92 -12.23 22.20
C THR B 69 10.83 -12.46 21.00
N LEU B 70 12.05 -11.93 21.07
CA LEU B 70 12.98 -12.07 19.96
C LEU B 70 13.98 -13.17 20.24
N THR B 71 14.30 -13.94 19.21
CA THR B 71 15.31 -15.00 19.28
C THR B 71 16.05 -14.97 17.93
N ALA B 72 17.18 -15.68 17.84
CA ALA B 72 17.93 -15.70 16.61
C ALA B 72 18.68 -17.02 16.51
N ASP B 73 18.59 -17.66 15.34
CA ASP B 73 19.27 -18.93 15.13
C ASP B 73 20.54 -18.70 14.32
N LYS B 74 21.67 -18.69 15.02
CA LYS B 74 22.97 -18.48 14.37
C LYS B 74 23.30 -19.47 13.27
N SER B 75 22.89 -20.72 13.44
CA SER B 75 23.18 -21.72 12.43
C SER B 75 22.42 -21.55 11.12
N SER B 76 21.29 -20.85 11.18
CA SER B 76 20.52 -20.63 9.97
C SER B 76 20.42 -19.17 9.58
N SER B 77 21.08 -18.30 10.36
CA SER B 77 21.06 -16.87 10.10
C SER B 77 19.62 -16.31 10.03
N THR B 78 18.77 -16.82 10.91
CA THR B 78 17.39 -16.40 10.95
C THR B 78 17.00 -15.79 12.29
N ALA B 79 16.35 -14.63 12.24
CA ALA B 79 15.87 -13.94 13.43
C ALA B 79 14.37 -14.24 13.50
N TYR B 80 13.85 -14.40 14.71
CA TYR B 80 12.43 -14.68 14.90
C TYR B 80 11.82 -13.73 15.91
N MET B 81 10.53 -13.49 15.77
CA MET B 81 9.79 -12.67 16.71
C MET B 81 8.46 -13.38 16.95
N GLN B 82 8.23 -13.77 18.19
CA GLN B 82 7.00 -14.43 18.57
C GLN B 82 6.12 -13.38 19.20
N LEU B 83 4.86 -13.35 18.79
CA LEU B 83 3.88 -12.43 19.32
C LEU B 83 2.90 -13.33 20.06
N SER B 84 2.60 -12.97 21.29
CA SER B 84 1.72 -13.75 22.15
C SER B 84 0.37 -13.12 22.42
N THR B 85 -0.64 -13.98 22.63
CA THR B 85 -2.01 -13.57 22.96
C THR B 85 -2.49 -12.42 22.09
N LEU B 86 -2.62 -12.71 20.80
CA LEU B 86 -3.00 -11.67 19.85
C LEU B 86 -4.35 -11.02 20.05
N LYS B 87 -4.36 -9.72 19.82
CA LYS B 87 -5.54 -8.90 19.96
C LYS B 87 -5.64 -7.92 18.80
N SER B 88 -6.71 -7.12 18.79
CA SER B 88 -6.97 -6.14 17.73
C SER B 88 -5.77 -5.29 17.31
N GLU B 89 -5.08 -4.71 18.29
CA GLU B 89 -3.94 -3.85 18.02
C GLU B 89 -2.76 -4.54 17.35
N ASP B 90 -2.73 -5.87 17.38
CA ASP B 90 -1.61 -6.62 16.78
C ASP B 90 -1.71 -6.82 15.28
N SER B 91 -2.88 -6.54 14.71
CA SER B 91 -3.04 -6.62 13.26
C SER B 91 -2.18 -5.50 12.70
N ALA B 92 -1.13 -5.84 11.97
CA ALA B 92 -0.23 -4.83 11.42
C ALA B 92 0.76 -5.51 10.49
N VAL B 93 1.65 -4.70 9.92
CA VAL B 93 2.73 -5.24 9.09
C VAL B 93 3.97 -5.10 9.99
N TYR B 94 4.77 -6.14 10.08
CA TYR B 94 5.97 -6.12 10.89
C TYR B 94 7.20 -6.23 9.98
N PHE B 95 8.20 -5.39 10.21
CA PHE B 95 9.44 -5.42 9.43
C PHE B 95 10.63 -5.77 10.31
N CYS B 96 11.59 -6.48 9.75
CA CYS B 96 12.82 -6.71 10.47
C CYS B 96 13.81 -5.89 9.64
N THR B 97 14.87 -5.38 10.28
CA THR B 97 15.84 -4.60 9.55
C THR B 97 17.24 -4.70 10.14
N ARG B 98 18.25 -4.77 9.28
CA ARG B 98 19.63 -4.74 9.75
C ARG B 98 19.86 -3.24 9.69
N TRP B 99 19.43 -2.55 10.74
CA TRP B 99 19.46 -1.10 10.85
C TRP B 99 20.79 -0.43 10.52
N GLY B 100 21.89 -1.04 10.94
CA GLY B 100 23.20 -0.50 10.60
C GLY B 100 23.91 0.44 11.56
N PHE B 101 23.34 0.77 12.71
CA PHE B 101 24.05 1.63 13.63
C PHE B 101 25.12 0.77 14.29
N ILE B 102 26.36 1.26 14.28
CA ILE B 102 27.50 0.55 14.88
C ILE B 102 27.86 1.36 16.12
N PRO B 103 27.38 0.93 17.28
CA PRO B 103 27.66 1.64 18.54
C PRO B 103 29.13 2.04 18.77
N VAL B 104 30.07 1.12 18.54
CA VAL B 104 31.48 1.43 18.75
C VAL B 104 31.99 2.57 17.89
N ARG B 105 31.47 2.67 16.67
CA ARG B 105 31.90 3.71 15.76
C ARG B 105 31.08 4.98 15.90
N GLU B 106 29.90 4.86 16.51
CA GLU B 106 28.98 6.01 16.64
C GLU B 106 28.60 6.51 15.23
N ASP B 107 28.47 5.56 14.31
CA ASP B 107 28.14 5.89 12.94
C ASP B 107 27.37 4.70 12.37
N TYR B 108 26.93 4.84 11.13
CA TYR B 108 26.08 3.84 10.48
C TYR B 108 26.54 3.25 9.17
N VAL B 109 26.19 1.97 8.95
CA VAL B 109 26.43 1.30 7.67
C VAL B 109 25.00 1.25 7.09
N MET B 110 24.87 0.88 5.83
CA MET B 110 23.57 0.83 5.17
C MET B 110 22.53 -0.06 5.82
N ASP B 111 21.30 0.43 5.85
CA ASP B 111 20.19 -0.30 6.42
C ASP B 111 19.54 -1.13 5.31
N TYR B 112 19.20 -2.36 5.65
CA TYR B 112 18.54 -3.30 4.74
C TYR B 112 17.29 -3.77 5.49
N TRP B 113 16.18 -3.88 4.78
CA TRP B 113 14.92 -4.25 5.42
C TRP B 113 14.29 -5.45 4.76
N GLY B 114 13.49 -6.19 5.52
CA GLY B 114 12.78 -7.32 4.97
C GLY B 114 11.59 -6.72 4.24
N GLN B 115 10.81 -7.53 3.52
CA GLN B 115 9.66 -7.00 2.81
C GLN B 115 8.42 -6.74 3.67
N GLY B 116 8.43 -7.20 4.91
CA GLY B 116 7.30 -7.01 5.80
C GLY B 116 6.38 -8.21 5.81
N THR B 117 5.76 -8.48 6.97
CA THR B 117 4.82 -9.59 7.14
C THR B 117 3.52 -9.01 7.71
N LEU B 118 2.42 -9.19 6.98
CA LEU B 118 1.10 -8.73 7.40
C LEU B 118 0.45 -9.78 8.30
N VAL B 119 -0.03 -9.36 9.46
CA VAL B 119 -0.69 -10.24 10.42
C VAL B 119 -2.12 -9.75 10.58
N THR B 120 -3.07 -10.66 10.37
CA THR B 120 -4.49 -10.33 10.51
C THR B 120 -5.03 -11.14 11.68
N VAL B 121 -5.53 -10.47 12.71
CA VAL B 121 -6.12 -11.14 13.86
C VAL B 121 -7.64 -11.14 13.67
N SER B 122 -8.20 -12.30 13.40
CA SER B 122 -9.64 -12.43 13.16
C SER B 122 -10.08 -13.87 13.36
N SER B 123 -11.35 -14.06 13.68
CA SER B 123 -11.89 -15.40 13.84
C SER B 123 -12.75 -15.74 12.62
N ALA B 124 -12.78 -14.83 11.65
CA ALA B 124 -13.56 -14.98 10.41
C ALA B 124 -13.00 -16.10 9.54
N LYS B 125 -13.90 -16.79 8.85
CA LYS B 125 -13.53 -17.91 8.02
C LYS B 125 -12.89 -17.59 6.68
N THR B 126 -11.95 -18.44 6.29
CA THR B 126 -11.25 -18.33 5.01
C THR B 126 -12.29 -18.64 3.91
N THR B 127 -12.37 -17.76 2.92
CA THR B 127 -13.32 -17.92 1.83
C THR B 127 -12.63 -17.68 0.50
N ALA B 128 -12.84 -18.60 -0.45
CA ALA B 128 -12.23 -18.49 -1.79
C ALA B 128 -12.98 -17.46 -2.62
N PRO B 129 -12.26 -16.70 -3.47
CA PRO B 129 -12.89 -15.67 -4.29
C PRO B 129 -13.57 -16.17 -5.54
N SER B 130 -14.48 -15.34 -6.04
CA SER B 130 -15.17 -15.61 -7.29
C SER B 130 -14.56 -14.57 -8.22
N VAL B 131 -14.06 -15.01 -9.38
CA VAL B 131 -13.44 -14.12 -10.37
C VAL B 131 -14.39 -13.88 -11.55
N TYR B 132 -14.66 -12.62 -11.84
CA TYR B 132 -15.58 -12.22 -12.91
C TYR B 132 -14.92 -11.35 -13.95
N PRO B 133 -15.03 -11.74 -15.24
CA PRO B 133 -14.43 -10.97 -16.33
C PRO B 133 -15.29 -9.73 -16.64
N LEU B 134 -14.65 -8.64 -17.03
CA LEU B 134 -15.38 -7.43 -17.36
C LEU B 134 -15.02 -7.02 -18.78
N ALA B 135 -15.92 -7.34 -19.71
CA ALA B 135 -15.74 -6.99 -21.11
C ALA B 135 -16.57 -5.74 -21.34
N PRO B 136 -16.04 -4.77 -22.11
CA PRO B 136 -16.68 -3.48 -22.42
C PRO B 136 -18.03 -3.49 -23.12
N VAL B 137 -18.82 -2.46 -22.84
CA VAL B 137 -20.13 -2.29 -23.45
C VAL B 137 -20.18 -0.81 -23.82
N CYS B 138 -19.83 0.03 -22.84
CA CYS B 138 -19.77 1.48 -22.98
C CYS B 138 -18.36 1.80 -22.50
N GLY B 139 -17.85 0.96 -21.60
CA GLY B 139 -16.49 1.14 -21.10
C GLY B 139 -15.49 0.54 -22.07
N ASP B 140 -15.72 0.79 -23.35
CA ASP B 140 -14.89 0.31 -24.45
C ASP B 140 -13.98 1.45 -24.92
N THR B 141 -14.33 2.67 -24.52
CA THR B 141 -13.58 3.86 -24.87
C THR B 141 -13.51 4.02 -26.40
N THR B 142 -14.69 3.99 -27.05
CA THR B 142 -14.83 4.12 -28.50
C THR B 142 -13.83 3.22 -29.27
N GLY B 143 -13.02 3.80 -30.13
CA GLY B 143 -12.02 3.03 -30.85
C GLY B 143 -10.67 3.47 -30.32
N SER B 144 -9.58 3.10 -30.98
CA SER B 144 -8.24 3.46 -30.57
C SER B 144 -7.78 2.60 -29.38
N SER B 145 -8.43 2.75 -28.23
CA SER B 145 -8.07 1.96 -27.06
C SER B 145 -9.34 1.37 -26.45
N VAL B 146 -9.16 0.26 -25.72
CA VAL B 146 -10.25 -0.42 -25.07
C VAL B 146 -9.77 -0.88 -23.69
N THR B 147 -10.61 -0.72 -22.67
CA THR B 147 -10.24 -1.14 -21.33
C THR B 147 -11.08 -2.35 -20.91
N LEU B 148 -10.42 -3.31 -20.30
CA LEU B 148 -11.03 -4.54 -19.80
C LEU B 148 -10.80 -4.59 -18.30
N GLY B 149 -11.46 -5.51 -17.63
CA GLY B 149 -11.28 -5.58 -16.20
C GLY B 149 -11.52 -6.96 -15.64
N CYS B 150 -11.19 -7.10 -14.36
CA CYS B 150 -11.35 -8.35 -13.67
C CYS B 150 -11.87 -8.04 -12.28
N LEU B 151 -12.99 -8.64 -11.90
CA LEU B 151 -13.58 -8.43 -10.59
C LEU B 151 -13.40 -9.67 -9.70
N VAL B 152 -12.64 -9.51 -8.62
CA VAL B 152 -12.36 -10.57 -7.64
C VAL B 152 -13.16 -10.23 -6.38
N LYS B 153 -14.20 -11.00 -6.09
CA LYS B 153 -14.95 -10.69 -4.90
C LYS B 153 -15.34 -11.83 -3.99
N GLY B 154 -15.54 -11.48 -2.72
CA GLY B 154 -15.96 -12.44 -1.72
C GLY B 154 -14.92 -13.35 -1.16
N TYR B 155 -13.72 -12.84 -0.91
CA TYR B 155 -12.68 -13.71 -0.35
C TYR B 155 -12.21 -13.24 1.00
N PHE B 156 -11.57 -14.14 1.74
CA PHE B 156 -10.98 -13.82 3.04
C PHE B 156 -9.95 -14.91 3.33
N PRO B 157 -8.77 -14.52 3.82
CA PRO B 157 -8.33 -13.16 4.11
C PRO B 157 -7.45 -12.67 2.97
N GLU B 158 -6.80 -11.53 3.16
CA GLU B 158 -5.87 -11.02 2.17
C GLU B 158 -4.60 -11.88 2.34
N PRO B 159 -3.76 -11.99 1.31
CA PRO B 159 -3.93 -11.37 -0.01
C PRO B 159 -4.37 -12.30 -1.12
N VAL B 160 -4.56 -11.69 -2.28
CA VAL B 160 -4.92 -12.38 -3.52
C VAL B 160 -3.89 -11.78 -4.49
N THR B 161 -3.40 -12.56 -5.45
CA THR B 161 -2.45 -12.02 -6.42
C THR B 161 -3.13 -12.02 -7.79
N LEU B 162 -3.01 -10.92 -8.53
CA LEU B 162 -3.65 -10.80 -9.84
C LEU B 162 -2.71 -10.28 -10.92
N THR B 163 -2.67 -10.99 -12.04
CA THR B 163 -1.84 -10.60 -13.19
C THR B 163 -2.66 -10.76 -14.46
N TRP B 164 -2.12 -10.24 -15.55
CA TRP B 164 -2.76 -10.34 -16.84
C TRP B 164 -1.79 -11.06 -17.76
N ASN B 165 -2.29 -12.03 -18.52
CA ASN B 165 -1.47 -12.80 -19.45
C ASN B 165 -0.22 -13.31 -18.74
N SER B 166 -0.42 -13.84 -17.54
CA SER B 166 0.65 -14.40 -16.70
C SER B 166 1.75 -13.42 -16.28
N GLY B 167 1.49 -12.13 -16.40
CA GLY B 167 2.50 -11.16 -16.02
C GLY B 167 3.14 -10.55 -17.24
N SER B 168 2.80 -11.10 -18.42
CA SER B 168 3.32 -10.59 -19.68
C SER B 168 2.73 -9.23 -20.02
N LEU B 169 1.57 -8.91 -19.44
CA LEU B 169 0.90 -7.65 -19.69
C LEU B 169 0.84 -6.83 -18.42
N SER B 170 1.69 -5.81 -18.32
CA SER B 170 1.73 -4.98 -17.12
C SER B 170 1.62 -3.48 -17.38
N SER B 171 1.65 -3.11 -18.66
CA SER B 171 1.56 -1.72 -19.04
C SER B 171 0.08 -1.35 -19.14
N GLY B 172 -0.31 -0.26 -18.49
CA GLY B 172 -1.71 0.14 -18.54
C GLY B 172 -2.61 -0.71 -17.66
N VAL B 173 -2.02 -1.35 -16.65
CA VAL B 173 -2.74 -2.17 -15.70
C VAL B 173 -2.91 -1.38 -14.42
N HIS B 174 -4.12 -1.35 -13.87
CA HIS B 174 -4.37 -0.66 -12.60
C HIS B 174 -5.04 -1.67 -11.70
N THR B 175 -4.37 -2.01 -10.59
CA THR B 175 -4.94 -2.96 -9.63
C THR B 175 -5.28 -2.16 -8.37
N PHE B 176 -6.55 -2.17 -8.03
CA PHE B 176 -7.05 -1.43 -6.89
C PHE B 176 -6.95 -2.18 -5.57
N PRO B 177 -6.64 -1.47 -4.48
CA PRO B 177 -6.50 -2.06 -3.15
C PRO B 177 -7.81 -2.72 -2.72
N ALA B 178 -7.72 -3.91 -2.14
CA ALA B 178 -8.90 -4.61 -1.67
C ALA B 178 -9.60 -3.83 -0.57
N VAL B 179 -10.93 -3.91 -0.56
CA VAL B 179 -11.74 -3.23 0.44
C VAL B 179 -12.60 -4.27 1.12
N LEU B 180 -12.62 -4.22 2.44
CA LEU B 180 -13.37 -5.17 3.27
C LEU B 180 -14.79 -4.67 3.47
N GLN B 181 -15.75 -5.58 3.40
CA GLN B 181 -17.13 -5.23 3.63
C GLN B 181 -17.82 -6.52 4.02
N SER B 182 -18.41 -6.52 5.22
CA SER B 182 -19.13 -7.69 5.75
C SER B 182 -18.29 -8.97 5.77
N ASP B 183 -17.09 -8.85 6.33
CA ASP B 183 -16.17 -9.97 6.48
C ASP B 183 -15.60 -10.55 5.19
N LEU B 184 -15.78 -9.85 4.07
CA LEU B 184 -15.23 -10.32 2.80
C LEU B 184 -14.58 -9.18 2.02
N TYR B 185 -13.55 -9.49 1.25
CA TYR B 185 -12.86 -8.48 0.48
C TYR B 185 -13.30 -8.50 -0.99
N THR B 186 -13.13 -7.35 -1.63
CA THR B 186 -13.40 -7.18 -3.04
C THR B 186 -12.22 -6.40 -3.62
N LEU B 187 -11.73 -6.85 -4.77
CA LEU B 187 -10.61 -6.21 -5.44
C LEU B 187 -10.89 -6.21 -6.94
N SER B 188 -10.34 -5.23 -7.65
CA SER B 188 -10.54 -5.18 -9.08
C SER B 188 -9.29 -4.65 -9.79
N SER B 189 -9.17 -4.92 -11.08
CA SER B 189 -8.04 -4.48 -11.86
C SER B 189 -8.55 -4.17 -13.26
N SER B 190 -7.97 -3.15 -13.89
CA SER B 190 -8.34 -2.78 -15.25
C SER B 190 -7.09 -2.79 -16.11
N VAL B 191 -7.25 -3.11 -17.38
CA VAL B 191 -6.13 -3.13 -18.31
C VAL B 191 -6.58 -2.47 -19.62
N THR B 192 -5.80 -1.51 -20.09
CA THR B 192 -6.14 -0.82 -21.32
C THR B 192 -5.19 -1.21 -22.44
N VAL B 193 -5.77 -1.66 -23.55
CA VAL B 193 -5.00 -2.08 -24.70
C VAL B 193 -5.54 -1.32 -25.91
N THR B 194 -4.87 -1.42 -27.05
CA THR B 194 -5.33 -0.75 -28.25
C THR B 194 -6.40 -1.60 -28.92
N SER B 195 -7.34 -0.96 -29.60
CA SER B 195 -8.43 -1.66 -30.28
C SER B 195 -7.95 -2.81 -31.19
N SER B 196 -6.70 -2.74 -31.62
CA SER B 196 -6.11 -3.74 -32.50
C SER B 196 -5.67 -5.03 -31.81
N THR B 197 -5.41 -4.94 -30.51
CA THR B 197 -4.96 -6.10 -29.77
C THR B 197 -6.16 -7.00 -29.45
N TRP B 198 -7.10 -6.47 -28.66
CA TRP B 198 -8.28 -7.22 -28.26
C TRP B 198 -9.43 -6.85 -29.21
N PRO B 199 -10.31 -7.81 -29.54
CA PRO B 199 -10.42 -9.24 -29.17
C PRO B 199 -9.56 -10.20 -29.99
N SER B 200 -8.83 -9.66 -30.97
CA SER B 200 -7.97 -10.47 -31.83
C SER B 200 -7.09 -11.43 -31.03
N GLN B 201 -6.31 -10.90 -30.11
CA GLN B 201 -5.48 -11.74 -29.27
C GLN B 201 -6.13 -11.82 -27.89
N SER B 202 -5.93 -12.93 -27.19
CA SER B 202 -6.52 -13.14 -25.88
C SER B 202 -5.91 -12.37 -24.71
N ILE B 203 -6.77 -11.95 -23.80
CA ILE B 203 -6.35 -11.23 -22.61
C ILE B 203 -6.96 -12.05 -21.49
N THR B 204 -6.13 -12.55 -20.59
CA THR B 204 -6.62 -13.35 -19.48
C THR B 204 -6.20 -12.77 -18.14
N CYS B 205 -7.08 -12.89 -17.17
CA CYS B 205 -6.85 -12.40 -15.83
C CYS B 205 -6.45 -13.63 -14.99
N ASN B 206 -5.33 -13.55 -14.26
CA ASN B 206 -4.86 -14.67 -13.43
C ASN B 206 -4.96 -14.31 -11.95
N VAL B 207 -5.67 -15.13 -11.18
CA VAL B 207 -5.86 -14.86 -9.75
C VAL B 207 -5.43 -16.02 -8.85
N ALA B 208 -4.72 -15.68 -7.79
CA ALA B 208 -4.28 -16.67 -6.83
C ALA B 208 -4.62 -16.20 -5.42
N HIS B 209 -5.23 -17.07 -4.64
CA HIS B 209 -5.59 -16.77 -3.26
C HIS B 209 -4.95 -17.89 -2.44
N PRO B 210 -3.68 -17.72 -2.08
CA PRO B 210 -2.94 -18.73 -1.31
C PRO B 210 -3.67 -19.37 -0.13
N ALA B 211 -4.32 -18.57 0.71
CA ALA B 211 -5.01 -19.07 1.88
C ALA B 211 -6.03 -20.18 1.61
N SER B 212 -6.58 -20.23 0.41
CA SER B 212 -7.56 -21.25 0.07
C SER B 212 -7.05 -22.08 -1.10
N SER B 213 -5.78 -21.91 -1.46
CA SER B 213 -5.18 -22.64 -2.56
C SER B 213 -6.06 -22.57 -3.80
N THR B 214 -6.49 -21.36 -4.13
CA THR B 214 -7.32 -21.11 -5.29
C THR B 214 -6.46 -20.48 -6.36
N LYS B 215 -6.48 -21.04 -7.57
CA LYS B 215 -5.74 -20.46 -8.68
C LYS B 215 -6.74 -20.48 -9.81
N VAL B 216 -7.08 -19.31 -10.33
CA VAL B 216 -8.07 -19.22 -11.39
C VAL B 216 -7.69 -18.24 -12.48
N ASP B 217 -7.98 -18.64 -13.72
CA ASP B 217 -7.68 -17.80 -14.88
C ASP B 217 -8.98 -17.52 -15.62
N LYS B 218 -9.24 -16.25 -15.90
CA LYS B 218 -10.43 -15.86 -16.62
C LYS B 218 -10.09 -15.15 -17.92
N LYS B 219 -10.60 -15.70 -19.01
CA LYS B 219 -10.39 -15.15 -20.35
C LYS B 219 -11.48 -14.12 -20.56
N ILE B 220 -11.10 -12.90 -20.91
CA ILE B 220 -12.08 -11.85 -21.15
C ILE B 220 -12.54 -12.03 -22.59
N GLU B 221 -13.77 -12.46 -22.77
CA GLU B 221 -14.31 -12.64 -24.11
C GLU B 221 -15.46 -11.67 -24.31
N PRO B 222 -15.66 -11.22 -25.56
CA PRO B 222 -16.73 -10.27 -25.90
C PRO B 222 -18.14 -10.73 -25.53
#